data_7PWU
#
_entry.id   7PWU
#
_cell.length_a   45.340
_cell.length_b   68.930
_cell.length_c   160.020
_cell.angle_alpha   90.000
_cell.angle_beta   90.000
_cell.angle_gamma   90.000
#
_symmetry.space_group_name_H-M   'P 21 21 21'
#
loop_
_entity.id
_entity.type
_entity.pdbx_description
1 polymer 'Protein mono-ADP-ribosyltransferase PARP15'
2 non-polymer 6-(cyclopropylmethoxy)phthalazine-1,4-dione
3 water water
#
_entity_poly.entity_id   1
_entity_poly.type   'polypeptide(L)'
_entity_poly.pdbx_seq_one_letter_code
;MHHHHHHSSGVDLGTENLYFQSMNLPEHWTDMNHQLFCMVQLEPGQSEYNTIKDKFTRTCSSYAIEKIERIQNAFLWQSY
QVKKRQMDIKNDHKNNERLLFHGTDADSVPYVNQHGFNRSCAGKNAVSYGKGTYFAVDASYSAKDTYSKPDSNGRKHMYV
VRVLTGVFTKGRAGLVTPPPKNPHNPTDLFDSVTNNTRSPKLFVVFFDNQAYPEYLITFTA
;
_entity_poly.pdbx_strand_id   A,B
#
loop_
_chem_comp.id
_chem_comp.type
_chem_comp.name
_chem_comp.formula
89H non-polymer 6-(cyclopropylmethoxy)phthalazine-1,4-dione 'C12 H10 N2 O3'
#
# COMPACT_ATOMS: atom_id res chain seq x y z
N LEU A 25 18.05 -9.49 6.54
CA LEU A 25 17.71 -10.21 5.27
C LEU A 25 17.84 -11.72 5.49
N PRO A 26 16.98 -12.57 4.88
CA PRO A 26 16.92 -13.99 5.23
C PRO A 26 18.23 -14.77 4.98
N GLU A 27 18.39 -15.91 5.66
CA GLU A 27 19.63 -16.74 5.66
C GLU A 27 19.91 -17.22 4.23
N HIS A 28 18.93 -17.90 3.61
CA HIS A 28 19.03 -18.58 2.30
C HIS A 28 19.31 -17.60 1.16
N TRP A 29 19.15 -16.29 1.37
CA TRP A 29 19.52 -15.28 0.35
C TRP A 29 21.03 -15.37 0.12
N THR A 30 21.48 -15.10 -1.10
CA THR A 30 22.92 -15.03 -1.42
C THR A 30 23.34 -13.56 -1.50
N ASP A 31 24.63 -13.29 -1.33
CA ASP A 31 25.23 -11.93 -1.22
C ASP A 31 24.84 -11.11 -2.46
N MET A 32 24.55 -9.83 -2.27
CA MET A 32 24.07 -8.97 -3.39
C MET A 32 25.07 -7.85 -3.70
N ASN A 33 26.30 -7.95 -3.19
CA ASN A 33 27.37 -6.97 -3.51
C ASN A 33 26.84 -5.58 -3.19
N HIS A 34 26.20 -5.43 -2.03
CA HIS A 34 25.69 -4.14 -1.49
C HIS A 34 24.56 -3.57 -2.37
N GLN A 35 23.95 -4.37 -3.26
CA GLN A 35 22.74 -3.95 -4.04
C GLN A 35 21.49 -4.40 -3.29
N LEU A 36 20.33 -3.86 -3.63
CA LEU A 36 19.08 -4.09 -2.87
C LEU A 36 18.07 -4.90 -3.69
N PHE A 37 18.37 -5.20 -4.95
CA PHE A 37 17.53 -6.10 -5.78
C PHE A 37 18.40 -7.10 -6.56
N CYS A 38 18.04 -8.37 -6.50
CA CYS A 38 18.65 -9.43 -7.34
C CYS A 38 17.61 -10.52 -7.61
N MET A 39 17.52 -11.01 -8.84
CA MET A 39 16.85 -12.30 -9.21
C MET A 39 17.93 -13.39 -9.31
N VAL A 40 17.88 -14.40 -8.44
CA VAL A 40 18.94 -15.46 -8.34
C VAL A 40 18.35 -16.77 -8.88
N GLN A 41 18.88 -17.25 -10.01
CA GLN A 41 18.44 -18.54 -10.58
C GLN A 41 18.86 -19.68 -9.65
N LEU A 42 17.94 -20.55 -9.26
CA LEU A 42 18.22 -21.71 -8.38
C LEU A 42 18.88 -22.85 -9.16
N GLU A 43 19.77 -23.56 -8.47
CA GLU A 43 20.48 -24.78 -8.95
C GLU A 43 19.52 -25.96 -8.92
N PRO A 44 19.17 -26.60 -10.06
CA PRO A 44 18.33 -27.80 -10.04
C PRO A 44 19.00 -28.91 -9.20
N GLY A 45 18.21 -29.58 -8.36
CA GLY A 45 18.67 -30.75 -7.59
C GLY A 45 19.12 -30.37 -6.19
N GLN A 46 19.30 -29.08 -5.89
CA GLN A 46 19.56 -28.66 -4.50
C GLN A 46 18.22 -28.50 -3.76
N SER A 47 18.32 -28.45 -2.44
CA SER A 47 17.20 -28.53 -1.46
C SER A 47 16.15 -27.45 -1.77
N GLU A 48 16.59 -26.21 -1.90
CA GLU A 48 15.68 -25.06 -2.16
C GLU A 48 14.87 -25.29 -3.44
N TYR A 49 15.55 -25.54 -4.57
CA TYR A 49 14.90 -25.85 -5.88
C TYR A 49 13.92 -27.01 -5.70
N ASN A 50 14.32 -28.09 -5.01
CA ASN A 50 13.49 -29.32 -4.88
C ASN A 50 12.20 -28.97 -4.11
N THR A 51 12.32 -28.21 -3.03
CA THR A 51 11.15 -27.81 -2.21
C THR A 51 10.17 -27.02 -3.07
N ILE A 52 10.65 -26.00 -3.79
CA ILE A 52 9.73 -25.12 -4.55
C ILE A 52 9.15 -25.94 -5.71
N LYS A 53 9.96 -26.73 -6.40
CA LYS A 53 9.51 -27.59 -7.53
C LYS A 53 8.40 -28.53 -7.05
N ASP A 54 8.52 -29.13 -5.87
CA ASP A 54 7.51 -30.09 -5.34
C ASP A 54 6.17 -29.40 -5.06
N LYS A 55 6.18 -28.17 -4.54
CA LYS A 55 4.93 -27.38 -4.28
C LYS A 55 4.16 -27.19 -5.59
N PHE A 56 4.90 -26.96 -6.68
CA PHE A 56 4.34 -26.73 -8.04
C PHE A 56 3.82 -28.05 -8.62
N THR A 57 4.66 -29.10 -8.59
CA THR A 57 4.36 -30.40 -9.24
C THR A 57 3.28 -31.17 -8.50
N ARG A 58 2.96 -30.81 -7.24
CA ARG A 58 1.77 -31.36 -6.52
C ARG A 58 0.56 -31.33 -7.47
N THR A 59 0.35 -30.25 -8.22
CA THR A 59 -0.83 -30.10 -9.10
C THR A 59 -0.46 -29.81 -10.56
N CYS A 60 0.82 -29.55 -10.89
CA CYS A 60 1.26 -29.13 -12.25
C CYS A 60 2.37 -30.06 -12.79
N SER A 61 2.30 -31.38 -12.54
CA SER A 61 3.38 -32.34 -12.91
C SER A 61 3.42 -32.53 -14.43
N SER A 62 2.38 -32.14 -15.16
CA SER A 62 2.33 -32.24 -16.65
C SER A 62 3.06 -31.06 -17.32
N TYR A 63 3.48 -30.05 -16.56
CA TYR A 63 4.16 -28.86 -17.13
C TYR A 63 5.69 -29.08 -17.09
N ALA A 64 6.43 -28.39 -17.95
CA ALA A 64 7.90 -28.41 -18.02
C ALA A 64 8.46 -27.13 -17.39
N ILE A 65 9.24 -27.26 -16.31
CA ILE A 65 9.96 -26.14 -15.63
C ILE A 65 11.25 -25.83 -16.40
N GLU A 66 11.35 -24.61 -16.91
CA GLU A 66 12.58 -24.07 -17.54
C GLU A 66 13.49 -23.54 -16.41
N LYS A 67 12.99 -22.75 -15.47
CA LYS A 67 13.84 -22.30 -14.34
C LYS A 67 12.99 -21.81 -13.18
N ILE A 68 13.63 -21.78 -12.00
CA ILE A 68 13.09 -21.14 -10.77
C ILE A 68 14.11 -20.10 -10.30
N GLU A 69 13.64 -18.88 -10.03
CA GLU A 69 14.49 -17.77 -9.54
C GLU A 69 13.99 -17.32 -8.18
N ARG A 70 14.91 -17.12 -7.24
CA ARG A 70 14.64 -16.50 -5.93
C ARG A 70 14.62 -14.98 -6.12
N ILE A 71 13.56 -14.33 -5.66
CA ILE A 71 13.40 -12.85 -5.72
C ILE A 71 14.02 -12.25 -4.45
N GLN A 72 15.13 -11.54 -4.58
CA GLN A 72 15.77 -10.87 -3.42
C GLN A 72 15.51 -9.36 -3.58
N ASN A 73 14.41 -8.87 -3.02
CA ASN A 73 14.02 -7.45 -3.10
C ASN A 73 14.00 -6.92 -1.66
N ALA A 74 15.07 -6.25 -1.24
CA ALA A 74 15.27 -5.83 0.15
C ALA A 74 14.13 -4.92 0.62
N PHE A 75 13.71 -3.94 -0.19
CA PHE A 75 12.64 -2.95 0.19
C PHE A 75 11.29 -3.65 0.35
N LEU A 76 10.91 -4.53 -0.58
CA LEU A 76 9.62 -5.27 -0.49
C LEU A 76 9.64 -6.15 0.74
N TRP A 77 10.77 -6.80 1.01
CA TRP A 77 10.92 -7.73 2.14
C TRP A 77 10.76 -6.96 3.47
N GLN A 78 11.41 -5.80 3.58
CA GLN A 78 11.34 -4.91 4.78
CA GLN A 78 11.33 -4.97 4.81
C GLN A 78 9.88 -4.56 5.05
N SER A 79 9.19 -4.03 4.03
CA SER A 79 7.79 -3.53 4.15
C SER A 79 6.87 -4.70 4.50
N TYR A 80 7.09 -5.86 3.90
CA TYR A 80 6.30 -7.08 4.23
C TYR A 80 6.54 -7.54 5.67
N GLN A 81 7.79 -7.58 6.15
CA GLN A 81 8.14 -8.06 7.52
C GLN A 81 7.55 -7.12 8.56
N VAL A 82 7.50 -5.81 8.28
CA VAL A 82 6.86 -4.82 9.16
C VAL A 82 5.38 -5.16 9.27
N LYS A 83 4.70 -5.39 8.15
CA LYS A 83 3.27 -5.77 8.14
CA LYS A 83 3.25 -5.75 8.17
C LYS A 83 3.07 -7.09 8.89
N LYS A 84 4.00 -8.02 8.73
CA LYS A 84 3.88 -9.34 9.38
C LYS A 84 3.98 -9.17 10.90
N ARG A 85 4.94 -8.38 11.37
CA ARG A 85 5.10 -8.15 12.84
C ARG A 85 3.83 -7.51 13.40
N GLN A 86 3.27 -6.54 12.68
CA GLN A 86 2.04 -5.81 13.08
C GLN A 86 0.86 -6.78 13.12
N MET A 87 0.74 -7.67 12.15
CA MET A 87 -0.41 -8.62 12.10
C MET A 87 -0.27 -9.65 13.23
N ASP A 88 0.96 -10.07 13.54
CA ASP A 88 1.26 -11.01 14.65
C ASP A 88 0.85 -10.38 16.00
N ILE A 89 1.09 -9.08 16.18
CA ILE A 89 0.65 -8.31 17.40
C ILE A 89 -0.88 -8.21 17.43
N LYS A 90 -1.48 -7.71 16.35
CA LYS A 90 -2.93 -7.44 16.25
C LYS A 90 -3.71 -8.72 16.54
N ASN A 91 -3.28 -9.85 15.97
CA ASN A 91 -4.02 -11.13 15.97
C ASN A 91 -3.60 -11.95 17.19
N ASP A 92 -2.59 -11.51 17.96
CA ASP A 92 -2.28 -12.08 19.30
C ASP A 92 -1.83 -13.54 19.13
N HIS A 93 -1.19 -13.85 18.01
CA HIS A 93 -0.64 -15.17 17.64
C HIS A 93 0.04 -15.02 16.27
N LYS A 94 0.87 -16.00 15.91
CA LYS A 94 1.48 -16.14 14.56
C LYS A 94 0.50 -16.95 13.70
N ASN A 95 1.00 -17.72 12.74
CA ASN A 95 0.14 -18.44 11.76
C ASN A 95 -0.67 -17.46 10.91
N ASN A 96 -0.13 -16.27 10.61
CA ASN A 96 -0.83 -15.28 9.74
C ASN A 96 -0.41 -15.45 8.27
N GLU A 97 0.56 -16.31 7.98
CA GLU A 97 1.26 -16.40 6.67
C GLU A 97 1.00 -17.74 5.97
N ARG A 98 0.83 -17.72 4.66
CA ARG A 98 0.64 -18.91 3.77
C ARG A 98 1.46 -18.73 2.50
N LEU A 99 1.85 -19.85 1.89
CA LEU A 99 2.57 -19.85 0.60
C LEU A 99 1.53 -20.10 -0.50
N LEU A 100 1.36 -19.15 -1.42
CA LEU A 100 0.29 -19.24 -2.45
C LEU A 100 0.92 -18.95 -3.81
N PHE A 101 0.14 -19.16 -4.88
CA PHE A 101 0.60 -19.02 -6.27
C PHE A 101 -0.09 -17.81 -6.90
N HIS A 102 0.61 -17.17 -7.81
CA HIS A 102 0.05 -16.06 -8.61
C HIS A 102 0.61 -16.20 -10.02
N GLY A 103 -0.26 -16.54 -10.97
CA GLY A 103 0.03 -16.50 -12.41
C GLY A 103 -0.05 -15.09 -12.96
N THR A 104 0.88 -14.70 -13.81
CA THR A 104 0.79 -13.38 -14.49
C THR A 104 1.39 -13.45 -15.90
N ASP A 105 1.12 -12.41 -16.70
CA ASP A 105 1.64 -12.29 -18.08
C ASP A 105 3.10 -11.80 -17.99
N ALA A 106 3.90 -12.12 -19.01
CA ALA A 106 5.33 -11.76 -19.09
C ALA A 106 5.52 -10.25 -18.90
N ASP A 107 4.61 -9.42 -19.41
CA ASP A 107 4.77 -7.94 -19.37
C ASP A 107 4.66 -7.41 -17.94
N SER A 108 4.07 -8.16 -17.01
CA SER A 108 3.89 -7.74 -15.59
C SER A 108 5.05 -8.19 -14.71
N VAL A 109 5.89 -9.12 -15.18
CA VAL A 109 6.94 -9.77 -14.35
C VAL A 109 7.90 -8.71 -13.80
N PRO A 110 8.48 -7.82 -14.62
CA PRO A 110 9.44 -6.83 -14.11
C PRO A 110 8.84 -5.95 -13.01
N TYR A 111 7.62 -5.49 -13.20
CA TYR A 111 6.87 -4.70 -12.20
C TYR A 111 6.75 -5.50 -10.88
N VAL A 112 6.24 -6.73 -10.92
CA VAL A 112 6.04 -7.55 -9.69
C VAL A 112 7.40 -7.76 -9.01
N ASN A 113 8.45 -8.09 -9.76
CA ASN A 113 9.80 -8.36 -9.17
C ASN A 113 10.25 -7.15 -8.33
N GLN A 114 9.99 -5.95 -8.82
CA GLN A 114 10.53 -4.66 -8.30
CA GLN A 114 10.56 -4.71 -8.24
C GLN A 114 9.56 -4.06 -7.27
N HIS A 115 8.26 -4.13 -7.55
CA HIS A 115 7.22 -3.40 -6.78
C HIS A 115 6.19 -4.32 -6.11
N GLY A 116 6.21 -5.63 -6.36
CA GLY A 116 5.23 -6.56 -5.79
C GLY A 116 3.86 -6.38 -6.43
N PHE A 117 2.81 -6.62 -5.65
CA PHE A 117 1.43 -6.83 -6.15
C PHE A 117 0.64 -5.54 -5.93
N ASN A 118 -0.09 -5.10 -6.96
CA ASN A 118 -0.84 -3.83 -6.96
C ASN A 118 -2.27 -4.09 -7.39
N ARG A 119 -3.22 -3.92 -6.47
CA ARG A 119 -4.65 -4.14 -6.72
C ARG A 119 -5.14 -3.21 -7.84
N SER A 120 -4.48 -2.07 -8.08
CA SER A 120 -4.87 -1.07 -9.10
C SER A 120 -4.57 -1.55 -10.53
N CYS A 121 -3.88 -2.69 -10.70
CA CYS A 121 -3.41 -3.25 -12.01
C CYS A 121 -4.17 -4.54 -12.38
N ASN A 125 -9.34 -9.76 -15.88
CA ASN A 125 -9.73 -11.01 -15.17
C ASN A 125 -10.81 -10.71 -14.13
N ALA A 126 -11.49 -11.76 -13.64
CA ALA A 126 -12.65 -11.66 -12.70
C ALA A 126 -12.18 -11.19 -11.31
N VAL A 127 -13.04 -10.42 -10.62
CA VAL A 127 -12.81 -9.83 -9.27
C VAL A 127 -14.04 -10.10 -8.39
N SER A 128 -14.56 -11.32 -8.53
CA SER A 128 -15.81 -11.85 -7.93
C SER A 128 -15.78 -11.80 -6.41
N TYR A 129 -14.60 -11.83 -5.77
CA TYR A 129 -14.50 -11.85 -4.29
C TYR A 129 -13.91 -10.54 -3.78
N GLY A 130 -13.74 -9.56 -4.66
CA GLY A 130 -13.37 -8.18 -4.27
C GLY A 130 -12.23 -7.64 -5.10
N LYS A 131 -11.99 -6.34 -4.99
CA LYS A 131 -11.03 -5.59 -5.85
C LYS A 131 -9.67 -5.58 -5.13
N GLY A 132 -9.03 -6.76 -5.09
CA GLY A 132 -7.69 -6.95 -4.52
C GLY A 132 -6.80 -7.76 -5.45
N THR A 133 -5.72 -8.27 -4.91
CA THR A 133 -4.82 -9.20 -5.64
C THR A 133 -5.20 -10.62 -5.23
N TYR A 134 -5.30 -11.50 -6.21
CA TYR A 134 -5.79 -12.89 -6.06
C TYR A 134 -4.58 -13.82 -5.99
N PHE A 135 -4.64 -14.79 -5.07
CA PHE A 135 -3.61 -15.84 -4.90
C PHE A 135 -4.33 -17.19 -4.81
N ALA A 136 -3.80 -18.22 -5.46
CA ALA A 136 -4.39 -19.58 -5.51
C ALA A 136 -3.66 -20.49 -4.53
N VAL A 137 -4.41 -21.38 -3.88
CA VAL A 137 -3.82 -22.47 -3.06
C VAL A 137 -3.08 -23.45 -3.99
N ASP A 138 -3.64 -23.77 -5.15
CA ASP A 138 -3.10 -24.80 -6.08
C ASP A 138 -2.46 -24.12 -7.30
N ALA A 139 -1.25 -24.55 -7.65
CA ALA A 139 -0.50 -24.04 -8.82
C ALA A 139 -1.36 -24.25 -10.08
N SER A 140 -2.14 -25.33 -10.15
CA SER A 140 -2.96 -25.68 -11.34
C SER A 140 -3.91 -24.54 -11.67
N TYR A 141 -4.42 -23.84 -10.64
CA TYR A 141 -5.40 -22.74 -10.83
C TYR A 141 -4.69 -21.56 -11.49
N SER A 142 -3.51 -21.20 -10.97
CA SER A 142 -2.67 -20.10 -11.49
C SER A 142 -2.08 -20.48 -12.86
N ALA A 143 -1.99 -21.77 -13.20
CA ALA A 143 -1.40 -22.26 -14.48
C ALA A 143 -2.34 -22.06 -15.68
N LYS A 144 -3.61 -21.70 -15.44
CA LYS A 144 -4.55 -21.37 -16.53
C LYS A 144 -3.99 -20.21 -17.35
N ASP A 145 -4.18 -20.28 -18.67
CA ASP A 145 -3.63 -19.30 -19.64
C ASP A 145 -4.22 -17.91 -19.40
N THR A 146 -5.41 -17.79 -18.82
CA THR A 146 -6.02 -16.46 -18.52
C THR A 146 -5.19 -15.73 -17.46
N TYR A 147 -4.45 -16.45 -16.60
CA TYR A 147 -3.60 -15.89 -15.52
C TYR A 147 -2.13 -15.91 -15.97
N SER A 148 -1.55 -17.08 -16.19
CA SER A 148 -0.12 -17.18 -16.62
C SER A 148 -0.11 -17.23 -18.17
N LYS A 149 -0.41 -16.10 -18.81
CA LYS A 149 -0.58 -15.99 -20.28
C LYS A 149 0.71 -16.42 -20.98
N PRO A 150 0.66 -17.40 -21.90
CA PRO A 150 1.86 -17.81 -22.62
C PRO A 150 2.40 -16.64 -23.44
N ASP A 151 3.69 -16.33 -23.36
CA ASP A 151 4.34 -15.23 -24.12
C ASP A 151 4.57 -15.71 -25.55
N SER A 152 5.19 -14.87 -26.40
CA SER A 152 5.35 -15.15 -27.85
C SER A 152 6.07 -16.48 -28.08
N ASN A 153 6.94 -16.91 -27.15
CA ASN A 153 7.73 -18.17 -27.21
C ASN A 153 7.07 -19.32 -26.42
N GLY A 154 5.86 -19.13 -25.88
CA GLY A 154 5.11 -20.19 -25.16
C GLY A 154 5.45 -20.29 -23.68
N ARG A 155 6.30 -19.42 -23.15
CA ARG A 155 6.73 -19.47 -21.73
C ARG A 155 5.61 -18.87 -20.85
N LYS A 156 5.32 -19.54 -19.75
CA LYS A 156 4.33 -19.12 -18.72
C LYS A 156 5.10 -18.77 -17.45
N HIS A 157 4.55 -17.88 -16.62
CA HIS A 157 5.20 -17.36 -15.40
C HIS A 157 4.23 -17.41 -14.22
N MET A 158 4.71 -17.90 -13.07
CA MET A 158 3.92 -18.04 -11.85
C MET A 158 4.84 -17.75 -10.66
N TYR A 159 4.39 -16.87 -9.77
CA TYR A 159 5.10 -16.57 -8.51
C TYR A 159 4.62 -17.55 -7.45
N VAL A 160 5.56 -17.91 -6.57
CA VAL A 160 5.31 -18.46 -5.22
C VAL A 160 5.44 -17.31 -4.25
N VAL A 161 4.39 -17.09 -3.47
CA VAL A 161 4.15 -15.81 -2.75
C VAL A 161 3.92 -16.13 -1.27
N ARG A 162 4.66 -15.45 -0.41
CA ARG A 162 4.34 -15.34 1.02
C ARG A 162 3.19 -14.35 1.17
N VAL A 163 2.05 -14.79 1.66
CA VAL A 163 0.84 -13.93 1.79
C VAL A 163 0.40 -13.89 3.24
N LEU A 164 0.15 -12.68 3.73
CA LEU A 164 -0.42 -12.49 5.09
C LEU A 164 -1.95 -12.59 5.00
N THR A 165 -2.46 -13.82 4.98
CA THR A 165 -3.91 -14.12 4.94
C THR A 165 -4.55 -13.79 6.29
N GLY A 166 -3.81 -13.95 7.38
CA GLY A 166 -4.29 -13.68 8.75
C GLY A 166 -5.63 -14.33 9.02
N VAL A 167 -6.57 -13.56 9.58
CA VAL A 167 -7.97 -14.00 9.87
C VAL A 167 -8.81 -13.62 8.65
N PHE A 168 -9.51 -14.58 8.05
CA PHE A 168 -10.21 -14.37 6.76
C PHE A 168 -11.70 -14.71 6.90
N THR A 169 -12.47 -14.18 5.94
CA THR A 169 -13.93 -14.41 5.82
C THR A 169 -14.21 -14.61 4.33
N LYS A 170 -15.44 -14.98 3.99
CA LYS A 170 -15.88 -15.13 2.58
C LYS A 170 -15.95 -13.75 1.94
N GLY A 171 -15.40 -13.60 0.74
CA GLY A 171 -15.50 -12.33 0.00
C GLY A 171 -16.77 -12.24 -0.82
N ARG A 172 -16.90 -11.15 -1.53
CA ARG A 172 -18.07 -10.88 -2.42
CA ARG A 172 -18.07 -10.88 -2.41
C ARG A 172 -17.67 -9.76 -3.38
N ALA A 173 -18.38 -9.66 -4.51
CA ALA A 173 -18.06 -8.72 -5.59
C ALA A 173 -18.13 -7.30 -5.03
N GLY A 174 -17.19 -6.44 -5.44
CA GLY A 174 -17.22 -5.00 -5.13
C GLY A 174 -16.52 -4.61 -3.85
N LEU A 175 -16.03 -5.53 -3.02
CA LEU A 175 -15.27 -5.15 -1.78
C LEU A 175 -14.04 -4.35 -2.20
N VAL A 176 -13.72 -3.28 -1.49
CA VAL A 176 -12.45 -2.52 -1.70
C VAL A 176 -11.47 -2.81 -0.55
N THR A 177 -11.97 -3.25 0.61
CA THR A 177 -11.17 -3.77 1.76
C THR A 177 -11.88 -5.01 2.27
N PRO A 178 -11.26 -5.82 3.14
CA PRO A 178 -11.99 -6.93 3.73
C PRO A 178 -13.11 -6.35 4.60
N PRO A 179 -14.13 -7.16 4.94
CA PRO A 179 -15.20 -6.73 5.85
C PRO A 179 -14.70 -6.50 7.27
N PRO A 180 -15.48 -5.75 8.08
CA PRO A 180 -15.27 -5.71 9.52
C PRO A 180 -15.54 -7.06 10.20
N LYS A 181 -14.76 -7.40 11.23
CA LYS A 181 -14.96 -8.64 12.03
C LYS A 181 -16.25 -8.52 12.85
N ASN A 182 -16.67 -7.29 13.18
CA ASN A 182 -17.94 -7.01 13.89
C ASN A 182 -18.44 -5.64 13.42
N PRO A 183 -19.63 -5.56 12.77
CA PRO A 183 -20.12 -4.27 12.26
C PRO A 183 -20.27 -3.17 13.34
N HIS A 184 -20.13 -3.51 14.63
CA HIS A 184 -20.16 -2.58 15.80
C HIS A 184 -18.80 -1.91 16.03
N ASN A 185 -17.71 -2.45 15.46
CA ASN A 185 -16.39 -1.77 15.32
C ASN A 185 -16.00 -1.79 13.85
N PRO A 186 -16.56 -0.90 13.01
CA PRO A 186 -16.43 -1.00 11.57
C PRO A 186 -14.99 -0.88 11.02
N THR A 187 -14.01 -0.44 11.82
CA THR A 187 -12.58 -0.29 11.39
C THR A 187 -11.70 -1.49 11.77
N ASP A 188 -12.19 -2.42 12.59
CA ASP A 188 -11.43 -3.66 12.92
C ASP A 188 -11.71 -4.71 11.83
N LEU A 189 -10.81 -4.89 10.85
CA LEU A 189 -11.10 -5.67 9.61
C LEU A 189 -10.54 -7.08 9.70
N PHE A 190 -11.15 -8.02 8.97
CA PHE A 190 -10.48 -9.27 8.52
C PHE A 190 -9.22 -8.87 7.76
N ASP A 191 -8.24 -9.77 7.69
CA ASP A 191 -6.94 -9.51 7.01
C ASP A 191 -7.06 -9.82 5.52
N SER A 192 -7.95 -10.74 5.16
CA SER A 192 -8.09 -11.21 3.76
C SER A 192 -9.49 -11.79 3.57
N VAL A 193 -9.89 -12.04 2.32
CA VAL A 193 -11.14 -12.79 2.05
C VAL A 193 -10.80 -14.01 1.19
N THR A 194 -11.73 -14.96 1.15
CA THR A 194 -11.57 -16.23 0.42
C THR A 194 -12.87 -16.59 -0.30
N ASN A 195 -12.81 -17.57 -1.20
CA ASN A 195 -14.02 -18.12 -1.88
C ASN A 195 -14.82 -18.98 -0.90
N ASN A 196 -14.18 -19.61 0.08
CA ASN A 196 -14.78 -20.66 0.95
C ASN A 196 -13.95 -20.77 2.24
N THR A 197 -14.52 -20.47 3.41
CA THR A 197 -13.79 -20.34 4.68
C THR A 197 -13.42 -21.72 5.23
N ARG A 198 -14.17 -22.76 4.91
CA ARG A 198 -13.92 -24.14 5.43
C ARG A 198 -12.83 -24.81 4.58
N SER A 199 -12.80 -24.54 3.27
CA SER A 199 -11.89 -25.20 2.33
C SER A 199 -11.44 -24.19 1.27
N PRO A 200 -10.58 -23.23 1.68
CA PRO A 200 -10.19 -22.15 0.78
C PRO A 200 -9.35 -22.64 -0.42
N LYS A 201 -9.63 -22.11 -1.61
CA LYS A 201 -8.79 -22.36 -2.80
C LYS A 201 -8.20 -21.05 -3.34
N LEU A 202 -8.74 -19.89 -2.95
CA LEU A 202 -8.10 -18.62 -3.27
C LEU A 202 -8.25 -17.63 -2.11
N PHE A 203 -7.35 -16.65 -2.09
CA PHE A 203 -7.33 -15.57 -1.10
C PHE A 203 -7.17 -14.26 -1.86
N VAL A 204 -7.71 -13.19 -1.30
CA VAL A 204 -7.66 -11.83 -1.89
C VAL A 204 -7.10 -10.94 -0.79
N VAL A 205 -6.04 -10.19 -1.07
CA VAL A 205 -5.56 -9.14 -0.11
C VAL A 205 -5.73 -7.78 -0.78
N PHE A 206 -5.96 -6.76 0.02
CA PHE A 206 -6.43 -5.43 -0.44
C PHE A 206 -5.43 -4.32 -0.10
N PHE A 207 -4.25 -4.64 0.41
CA PHE A 207 -3.23 -3.65 0.84
C PHE A 207 -1.86 -4.03 0.27
N ASP A 208 -1.07 -3.00 -0.04
CA ASP A 208 0.30 -3.15 -0.52
C ASP A 208 1.09 -3.84 0.60
N ASN A 209 2.07 -4.66 0.24
CA ASN A 209 3.05 -5.19 1.24
C ASN A 209 2.36 -6.25 2.12
N GLN A 210 1.24 -6.83 1.69
CA GLN A 210 0.64 -8.01 2.38
C GLN A 210 1.10 -9.29 1.69
N ALA A 211 1.87 -9.16 0.60
CA ALA A 211 2.33 -10.29 -0.23
C ALA A 211 3.78 -10.02 -0.63
N TYR A 212 4.67 -10.99 -0.44
CA TYR A 212 6.07 -10.91 -0.91
C TYR A 212 6.29 -11.97 -1.99
N PRO A 213 6.62 -11.58 -3.23
CA PRO A 213 6.89 -12.53 -4.30
C PRO A 213 8.26 -13.17 -4.01
N GLU A 214 8.29 -14.46 -3.66
CA GLU A 214 9.53 -15.11 -3.18
C GLU A 214 10.24 -15.87 -4.31
N TYR A 215 9.50 -16.57 -5.19
CA TYR A 215 10.08 -17.32 -6.33
C TYR A 215 9.25 -17.06 -7.57
N LEU A 216 9.94 -17.01 -8.70
CA LEU A 216 9.34 -16.95 -10.04
C LEU A 216 9.65 -18.26 -10.74
N ILE A 217 8.61 -18.97 -11.17
CA ILE A 217 8.74 -20.25 -11.91
C ILE A 217 8.47 -19.91 -13.37
N THR A 218 9.40 -20.22 -14.27
CA THR A 218 9.19 -20.12 -15.73
C THR A 218 8.97 -21.54 -16.25
N PHE A 219 7.87 -21.77 -16.97
CA PHE A 219 7.44 -23.14 -17.34
C PHE A 219 6.67 -23.12 -18.65
N THR A 220 6.44 -24.31 -19.23
CA THR A 220 5.68 -24.45 -20.50
C THR A 220 4.67 -25.57 -20.39
N ALA A 221 3.66 -25.51 -21.25
CA ALA A 221 2.66 -26.58 -21.49
C ALA A 221 3.37 -27.80 -22.10
N ASN B 24 10.19 2.73 18.13
CA ASN B 24 10.72 3.88 17.34
C ASN B 24 9.71 5.04 17.32
N LEU B 25 8.76 5.08 18.27
CA LEU B 25 7.71 6.13 18.29
C LEU B 25 8.33 7.44 18.76
N PRO B 26 7.93 8.60 18.21
CA PRO B 26 8.54 9.88 18.57
C PRO B 26 8.44 10.19 20.07
N GLU B 27 9.47 10.81 20.66
CA GLU B 27 9.60 10.96 22.13
C GLU B 27 8.63 12.00 22.70
N HIS B 28 8.09 12.90 21.87
CA HIS B 28 7.11 13.92 22.33
C HIS B 28 5.69 13.37 22.25
N TRP B 29 5.45 12.18 21.71
CA TRP B 29 4.07 11.61 21.74
C TRP B 29 3.70 11.40 23.20
N THR B 30 2.43 11.47 23.55
CA THR B 30 1.94 11.10 24.91
C THR B 30 2.06 9.60 25.06
N ASP B 31 2.33 9.14 26.29
CA ASP B 31 2.29 7.71 26.67
C ASP B 31 0.92 7.15 26.24
N MET B 32 0.91 6.02 25.55
CA MET B 32 -0.35 5.38 25.11
C MET B 32 -0.61 4.11 25.94
N ASN B 33 0.25 3.80 26.91
CA ASN B 33 0.09 2.65 27.85
C ASN B 33 -0.24 1.39 27.05
N HIS B 34 0.72 0.89 26.27
CA HIS B 34 0.64 -0.39 25.53
C HIS B 34 -0.43 -0.34 24.41
N GLN B 35 -1.20 0.76 24.29
CA GLN B 35 -2.18 0.97 23.19
C GLN B 35 -1.41 1.42 21.93
N LEU B 36 -2.00 1.20 20.76
CA LEU B 36 -1.36 1.41 19.43
C LEU B 36 -1.90 2.68 18.76
N PHE B 37 -2.93 3.30 19.33
CA PHE B 37 -3.64 4.42 18.69
C PHE B 37 -4.13 5.39 19.76
N CYS B 38 -3.96 6.68 19.51
CA CYS B 38 -4.44 7.78 20.36
C CYS B 38 -4.60 9.04 19.51
N MET B 39 -5.69 9.77 19.72
CA MET B 39 -5.89 11.15 19.23
C MET B 39 -5.61 12.08 20.41
N VAL B 40 -4.70 13.05 20.27
CA VAL B 40 -4.35 13.97 21.37
C VAL B 40 -4.76 15.39 20.98
N GLN B 41 -5.62 15.98 21.80
CA GLN B 41 -6.12 17.36 21.64
C GLN B 41 -4.99 18.35 21.96
N LEU B 42 -4.65 19.23 21.02
CA LEU B 42 -3.58 20.23 21.23
C LEU B 42 -4.15 21.48 21.91
N GLU B 43 -3.28 22.24 22.59
CA GLU B 43 -3.65 23.48 23.33
C GLU B 43 -3.18 24.70 22.54
N PRO B 44 -4.08 25.66 22.25
CA PRO B 44 -3.68 26.95 21.69
C PRO B 44 -2.61 27.59 22.60
N GLY B 45 -1.68 28.34 22.01
CA GLY B 45 -0.53 28.89 22.76
C GLY B 45 0.69 27.99 22.67
N GLN B 46 0.53 26.68 22.51
CA GLN B 46 1.68 25.76 22.25
C GLN B 46 2.16 25.98 20.81
N SER B 47 3.46 25.87 20.56
CA SER B 47 4.05 26.06 19.21
C SER B 47 3.43 25.05 18.24
N GLU B 48 3.17 23.82 18.68
CA GLU B 48 2.65 22.73 17.81
C GLU B 48 1.27 23.14 17.25
N TYR B 49 0.37 23.61 18.11
CA TYR B 49 -0.98 24.09 17.71
C TYR B 49 -0.83 25.31 16.81
N ASN B 50 -0.04 26.29 17.24
CA ASN B 50 0.02 27.61 16.55
C ASN B 50 0.59 27.47 15.14
N THR B 51 1.60 26.63 14.92
CA THR B 51 2.20 26.51 13.56
CA THR B 51 2.23 26.43 13.58
C THR B 51 1.17 25.87 12.61
N ILE B 52 0.38 24.89 13.08
CA ILE B 52 -0.70 24.29 12.23
C ILE B 52 -1.77 25.35 11.97
N LYS B 53 -2.20 26.08 13.00
CA LYS B 53 -3.20 27.17 12.84
C LYS B 53 -2.68 28.17 11.79
N ASP B 54 -1.42 28.59 11.89
CA ASP B 54 -0.84 29.57 10.93
C ASP B 54 -0.85 28.99 9.51
N LYS B 55 -0.42 27.74 9.35
CA LYS B 55 -0.33 27.07 8.02
C LYS B 55 -1.73 27.07 7.38
N PHE B 56 -2.76 26.85 8.19
CA PHE B 56 -4.17 26.77 7.78
C PHE B 56 -4.72 28.16 7.43
N THR B 57 -4.54 29.13 8.33
CA THR B 57 -5.13 30.49 8.22
C THR B 57 -4.44 31.27 7.11
N ARG B 58 -3.24 30.85 6.67
CA ARG B 58 -2.52 31.51 5.57
C ARG B 58 -3.44 31.59 4.34
N THR B 59 -4.31 30.59 4.12
CA THR B 59 -5.24 30.56 2.95
C THR B 59 -6.72 30.43 3.38
N CYS B 60 -7.04 30.14 4.65
CA CYS B 60 -8.42 29.88 5.15
C CYS B 60 -8.80 30.77 6.33
N SER B 61 -8.49 32.06 6.26
CA SER B 61 -8.68 33.02 7.38
C SER B 61 -10.17 33.28 7.63
N SER B 62 -11.07 32.97 6.68
CA SER B 62 -12.54 33.14 6.82
C SER B 62 -13.15 32.03 7.72
N TYR B 63 -12.56 30.83 7.81
CA TYR B 63 -13.04 29.70 8.65
C TYR B 63 -12.47 29.87 10.06
N ALA B 64 -13.00 29.14 11.03
CA ALA B 64 -12.52 29.20 12.43
C ALA B 64 -12.24 27.77 12.89
N ILE B 65 -11.14 27.58 13.62
CA ILE B 65 -10.73 26.23 14.06
C ILE B 65 -11.46 25.91 15.38
N GLU B 66 -12.12 24.76 15.42
CA GLU B 66 -12.73 24.21 16.66
C GLU B 66 -11.63 23.55 17.50
N LYS B 67 -10.88 22.61 16.91
CA LYS B 67 -9.80 21.89 17.61
C LYS B 67 -8.81 21.29 16.60
N ILE B 68 -7.63 20.98 17.09
CA ILE B 68 -6.53 20.30 16.35
C ILE B 68 -6.08 19.11 17.19
N GLU B 69 -6.16 17.93 16.62
CA GLU B 69 -5.79 16.66 17.29
C GLU B 69 -4.53 16.09 16.64
N ARG B 70 -3.52 15.73 17.43
CA ARG B 70 -2.35 14.96 16.93
C ARG B 70 -2.75 13.49 16.81
N ILE B 71 -2.53 12.91 15.63
CA ILE B 71 -2.83 11.47 15.36
C ILE B 71 -1.60 10.65 15.73
N GLN B 72 -1.72 9.81 16.76
CA GLN B 72 -0.66 8.86 17.19
C GLN B 72 -1.12 7.45 16.78
N ASN B 73 -0.67 7.01 15.61
CA ASN B 73 -1.03 5.66 15.08
C ASN B 73 0.29 4.90 14.89
N ALA B 74 0.64 4.01 15.83
CA ALA B 74 1.97 3.35 15.86
C ALA B 74 2.24 2.58 14.56
N PHE B 75 1.26 1.79 14.11
CA PHE B 75 1.40 0.93 12.90
C PHE B 75 1.54 1.80 11.65
N LEU B 76 0.74 2.85 11.48
CA LEU B 76 0.84 3.68 10.24
C LEU B 76 2.18 4.42 10.24
N TRP B 77 2.62 4.85 11.42
CA TRP B 77 3.90 5.59 11.57
C TRP B 77 5.07 4.68 11.19
N GLN B 78 5.09 3.43 11.67
CA GLN B 78 6.19 2.47 11.35
C GLN B 78 6.26 2.22 9.84
N SER B 79 5.14 1.89 9.21
CA SER B 79 5.09 1.60 7.75
C SER B 79 5.51 2.83 6.97
N TYR B 80 5.02 4.00 7.35
CA TYR B 80 5.40 5.29 6.70
C TYR B 80 6.90 5.55 6.84
N GLN B 81 7.45 5.39 8.05
CA GLN B 81 8.89 5.69 8.30
C GLN B 81 9.78 4.70 7.53
N VAL B 82 9.36 3.44 7.37
CA VAL B 82 10.08 2.46 6.51
C VAL B 82 10.07 2.98 5.06
N LYS B 83 8.94 3.40 4.52
CA LYS B 83 8.86 3.94 3.13
C LYS B 83 9.73 5.19 2.98
N LYS B 84 9.77 6.03 4.01
CA LYS B 84 10.57 7.27 3.97
C LYS B 84 12.06 6.94 3.92
N ARG B 85 12.51 6.02 4.76
CA ARG B 85 13.94 5.59 4.77
C ARG B 85 14.31 5.04 3.39
N GLN B 86 13.45 4.21 2.82
CA GLN B 86 13.67 3.63 1.46
C GLN B 86 13.79 4.74 0.39
N MET B 87 12.92 5.73 0.42
CA MET B 87 12.94 6.81 -0.60
C MET B 87 14.16 7.70 -0.35
N ASP B 88 14.50 7.95 0.90
CA ASP B 88 15.73 8.71 1.25
C ASP B 88 16.97 7.98 0.70
N ILE B 89 17.04 6.65 0.82
CA ILE B 89 18.17 5.83 0.28
C ILE B 89 18.14 5.93 -1.25
N LYS B 90 16.98 5.72 -1.87
CA LYS B 90 16.86 5.59 -3.34
C LYS B 90 17.18 6.92 -4.02
N ASN B 91 16.76 8.05 -3.44
CA ASN B 91 16.84 9.38 -4.09
C ASN B 91 18.13 10.05 -3.64
N ASP B 92 18.58 11.07 -4.37
CA ASP B 92 19.95 11.62 -4.22
C ASP B 92 19.90 12.88 -3.35
N HIS B 93 19.84 12.73 -2.01
CA HIS B 93 19.77 13.82 -0.99
C HIS B 93 18.58 14.75 -1.29
N LYS B 94 17.44 14.20 -1.72
CA LYS B 94 16.20 14.96 -2.00
C LYS B 94 15.53 15.29 -0.67
N ASN B 95 14.77 16.38 -0.60
CA ASN B 95 13.71 16.51 0.44
C ASN B 95 12.49 15.76 -0.08
N ASN B 96 12.29 14.53 0.40
CA ASN B 96 11.25 13.62 -0.12
C ASN B 96 9.89 13.94 0.49
N GLU B 97 9.85 14.71 1.58
CA GLU B 97 8.63 14.81 2.41
C GLU B 97 8.14 16.26 2.45
N ARG B 98 6.85 16.44 2.22
CA ARG B 98 6.13 17.72 2.29
C ARG B 98 4.98 17.55 3.27
N LEU B 99 4.58 18.68 3.87
CA LEU B 99 3.40 18.73 4.76
C LEU B 99 2.23 19.30 3.96
N LEU B 100 1.21 18.49 3.71
CA LEU B 100 0.12 18.86 2.78
C LEU B 100 -1.23 18.69 3.49
N PHE B 101 -2.31 19.13 2.87
CA PHE B 101 -3.67 19.08 3.43
C PHE B 101 -4.51 18.05 2.70
N HIS B 102 -5.47 17.48 3.40
CA HIS B 102 -6.48 16.56 2.80
C HIS B 102 -7.83 16.76 3.49
N GLY B 103 -8.80 17.31 2.77
CA GLY B 103 -10.16 17.48 3.28
C GLY B 103 -10.88 16.17 3.09
N THR B 104 -11.70 15.75 4.05
CA THR B 104 -12.56 14.57 3.84
C THR B 104 -13.89 14.73 4.60
N ASP B 105 -14.83 13.85 4.31
CA ASP B 105 -16.14 13.78 4.99
C ASP B 105 -15.97 13.13 6.36
N ALA B 106 -16.89 13.42 7.27
CA ALA B 106 -16.88 12.90 8.66
C ALA B 106 -16.92 11.36 8.64
N ASP B 107 -17.59 10.77 7.65
CA ASP B 107 -17.78 9.30 7.59
C ASP B 107 -16.45 8.59 7.32
N SER B 108 -15.47 9.27 6.71
CA SER B 108 -14.14 8.70 6.38
C SER B 108 -13.15 8.85 7.54
N VAL B 109 -13.39 9.77 8.49
CA VAL B 109 -12.40 10.13 9.55
C VAL B 109 -12.00 8.89 10.36
N PRO B 110 -12.93 8.06 10.89
CA PRO B 110 -12.50 6.87 11.65
C PRO B 110 -11.57 5.93 10.85
N TYR B 111 -11.84 5.70 9.56
CA TYR B 111 -11.03 4.81 8.71
C TYR B 111 -9.64 5.45 8.49
N VAL B 112 -9.57 6.73 8.13
CA VAL B 112 -8.27 7.38 7.86
C VAL B 112 -7.43 7.36 9.14
N ASN B 113 -8.04 7.71 10.26
CA ASN B 113 -7.35 7.72 11.58
C ASN B 113 -6.66 6.38 11.83
N GLN B 114 -7.34 5.26 11.55
CA GLN B 114 -6.86 3.89 11.88
C GLN B 114 -6.03 3.33 10.72
N HIS B 115 -6.41 3.56 9.47
CA HIS B 115 -5.85 2.78 8.32
C HIS B 115 -5.16 3.70 7.31
N GLY B 116 -5.26 5.01 7.46
CA GLY B 116 -4.66 5.97 6.53
C GLY B 116 -5.44 6.10 5.23
N PHE B 117 -4.77 6.54 4.17
CA PHE B 117 -5.37 6.98 2.89
C PHE B 117 -5.38 5.81 1.90
N ASN B 118 -6.56 5.47 1.41
CA ASN B 118 -6.77 4.30 0.52
C ASN B 118 -7.19 4.81 -0.85
N ARG B 119 -6.33 4.64 -1.85
CA ARG B 119 -6.59 5.07 -3.25
C ARG B 119 -7.85 4.41 -3.79
N SER B 120 -8.21 3.23 -3.29
CA SER B 120 -9.40 2.47 -3.77
C SER B 120 -10.70 3.19 -3.37
N CYS B 121 -10.64 4.08 -2.37
CA CYS B 121 -11.78 4.87 -1.83
C CYS B 121 -11.79 6.29 -2.41
N ALA B 122 -10.73 6.70 -3.12
CA ALA B 122 -10.51 8.08 -3.62
C ALA B 122 -11.65 8.48 -4.56
N GLY B 123 -12.11 9.74 -4.46
CA GLY B 123 -13.05 10.34 -5.44
C GLY B 123 -12.32 10.68 -6.72
N LYS B 124 -13.04 10.82 -7.85
CA LYS B 124 -12.47 11.43 -9.06
C LYS B 124 -12.34 12.92 -8.76
N ASN B 125 -11.16 13.50 -8.97
CA ASN B 125 -10.90 14.94 -8.71
C ASN B 125 -11.46 15.75 -9.89
N ALA B 126 -11.93 16.98 -9.65
CA ALA B 126 -12.48 17.85 -10.72
C ALA B 126 -11.40 18.11 -11.79
N VAL B 127 -10.11 18.21 -11.42
CA VAL B 127 -9.02 18.15 -12.44
C VAL B 127 -8.18 16.90 -12.10
N SER B 128 -8.31 15.85 -12.90
CA SER B 128 -7.64 14.55 -12.61
C SER B 128 -6.23 14.51 -13.20
N TYR B 129 -5.26 14.23 -12.33
CA TYR B 129 -3.85 13.99 -12.69
C TYR B 129 -3.48 12.54 -12.37
N GLY B 130 -4.48 11.70 -12.18
CA GLY B 130 -4.27 10.26 -11.95
C GLY B 130 -5.25 9.72 -10.95
N LYS B 131 -5.38 8.39 -10.92
CA LYS B 131 -6.26 7.64 -9.99
C LYS B 131 -5.46 7.36 -8.70
N GLY B 132 -5.48 8.31 -7.77
CA GLY B 132 -4.72 8.20 -6.51
C GLY B 132 -5.32 9.05 -5.43
N THR B 133 -4.64 9.15 -4.30
CA THR B 133 -5.06 10.04 -3.20
C THR B 133 -4.46 11.41 -3.43
N TYR B 134 -5.29 12.45 -3.38
CA TYR B 134 -4.93 13.86 -3.67
C TYR B 134 -4.60 14.59 -2.36
N PHE B 135 -3.56 15.44 -2.39
CA PHE B 135 -3.11 16.30 -1.27
C PHE B 135 -2.88 17.69 -1.83
N ALA B 136 -3.28 18.70 -1.07
CA ALA B 136 -3.21 20.12 -1.47
C ALA B 136 -2.07 20.83 -0.72
N VAL B 137 -1.39 21.72 -1.44
CA VAL B 137 -0.40 22.66 -0.85
C VAL B 137 -1.14 23.64 0.05
N ASP B 138 -2.31 24.13 -0.39
CA ASP B 138 -3.06 25.21 0.31
C ASP B 138 -4.31 24.65 0.99
N ALA B 139 -4.51 25.02 2.25
CA ALA B 139 -5.68 24.58 3.03
C ALA B 139 -6.97 25.05 2.33
N SER B 140 -6.95 26.20 1.66
CA SER B 140 -8.09 26.78 0.91
C SER B 140 -8.65 25.74 -0.07
N TYR B 141 -7.79 24.95 -0.70
CA TYR B 141 -8.23 23.96 -1.71
C TYR B 141 -8.97 22.82 -0.99
N SER B 142 -8.37 22.27 0.08
CA SER B 142 -8.98 21.19 0.90
C SER B 142 -10.23 21.70 1.64
N ALA B 143 -10.36 23.01 1.86
CA ALA B 143 -11.52 23.60 2.59
C ALA B 143 -12.80 23.63 1.75
N LYS B 144 -12.71 23.37 0.44
CA LYS B 144 -13.91 23.30 -0.45
C LYS B 144 -14.87 22.21 0.05
N ASP B 145 -16.17 22.52 0.01
CA ASP B 145 -17.25 21.63 0.53
C ASP B 145 -17.21 20.31 -0.23
N THR B 146 -16.72 20.28 -1.47
CA THR B 146 -16.50 19.04 -2.26
C THR B 146 -15.60 18.05 -1.50
N TYR B 147 -14.60 18.53 -0.77
CA TYR B 147 -13.58 17.67 -0.10
C TYR B 147 -13.93 17.54 1.39
N SER B 148 -13.87 18.65 2.13
CA SER B 148 -14.23 18.71 3.56
C SER B 148 -15.74 18.94 3.71
N LYS B 149 -16.54 17.94 3.35
CA LYS B 149 -18.02 18.05 3.38
C LYS B 149 -18.45 18.39 4.81
N PRO B 150 -19.25 19.46 5.00
CA PRO B 150 -19.77 19.79 6.33
C PRO B 150 -20.65 18.64 6.82
N ASP B 151 -20.48 18.21 8.07
CA ASP B 151 -21.33 17.16 8.68
C ASP B 151 -22.65 17.79 9.16
N SER B 152 -23.53 16.98 9.73
CA SER B 152 -24.90 17.40 10.16
C SER B 152 -24.83 18.54 11.19
N ASN B 153 -23.68 18.75 11.85
CA ASN B 153 -23.48 19.85 12.83
C ASN B 153 -22.67 20.99 12.23
N GLY B 154 -22.35 20.94 10.94
CA GLY B 154 -21.62 22.01 10.24
C GLY B 154 -20.12 21.94 10.44
N ARG B 155 -19.59 20.84 10.96
CA ARG B 155 -18.12 20.72 11.16
C ARG B 155 -17.51 20.19 9.87
N LYS B 156 -16.39 20.80 9.48
CA LYS B 156 -15.55 20.37 8.35
C LYS B 156 -14.29 19.73 8.93
N HIS B 157 -13.71 18.77 8.22
CA HIS B 157 -12.54 17.98 8.67
C HIS B 157 -11.44 18.03 7.62
N MET B 158 -10.23 18.39 8.04
CA MET B 158 -9.05 18.45 7.16
C MET B 158 -7.88 17.83 7.91
N TYR B 159 -7.20 16.88 7.28
CA TYR B 159 -5.93 16.32 7.78
C TYR B 159 -4.79 17.20 7.32
N VAL B 160 -3.78 17.28 8.17
CA VAL B 160 -2.42 17.77 7.82
C VAL B 160 -1.54 16.51 7.75
N VAL B 161 -0.84 16.34 6.64
CA VAL B 161 -0.33 15.01 6.22
C VAL B 161 1.14 15.13 5.83
N ARG B 162 1.97 14.23 6.37
CA ARG B 162 3.34 14.03 5.89
C ARG B 162 3.22 13.19 4.62
N VAL B 163 3.63 13.72 3.47
CA VAL B 163 3.46 13.02 2.17
C VAL B 163 4.84 12.82 1.54
N LEU B 164 5.17 11.59 1.15
CA LEU B 164 6.45 11.29 0.46
C LEU B 164 6.27 11.61 -1.03
N THR B 165 6.41 12.90 -1.36
CA THR B 165 6.29 13.42 -2.74
C THR B 165 7.52 13.00 -3.55
N GLY B 166 8.70 12.90 -2.91
CA GLY B 166 9.93 12.47 -3.59
C GLY B 166 10.20 13.26 -4.85
N VAL B 167 10.53 12.56 -5.94
CA VAL B 167 10.78 13.18 -7.27
C VAL B 167 9.48 13.04 -8.05
N PHE B 168 8.96 14.13 -8.60
CA PHE B 168 7.61 14.15 -9.20
C PHE B 168 7.63 14.79 -10.58
N THR B 169 6.55 14.55 -11.31
CA THR B 169 6.32 15.05 -12.67
C THR B 169 4.84 15.40 -12.83
N LYS B 170 4.48 16.11 -13.90
CA LYS B 170 3.08 16.44 -14.19
C LYS B 170 2.34 15.13 -14.42
N GLY B 171 1.23 14.92 -13.75
CA GLY B 171 0.41 13.69 -13.87
C GLY B 171 -0.46 13.74 -15.12
N ARG B 172 -1.25 12.69 -15.31
CA ARG B 172 -2.22 12.50 -16.43
CA ARG B 172 -2.28 12.61 -16.37
C ARG B 172 -3.40 11.69 -15.89
N ALA B 173 -4.62 11.99 -16.33
CA ALA B 173 -5.86 11.33 -15.88
C ALA B 173 -5.78 9.79 -15.97
N GLY B 174 -5.04 9.20 -16.92
CA GLY B 174 -5.05 7.72 -17.02
C GLY B 174 -4.26 6.99 -15.90
N LEU B 175 -3.40 7.66 -15.15
CA LEU B 175 -2.37 6.98 -14.31
C LEU B 175 -3.02 6.16 -13.18
N VAL B 176 -2.55 4.93 -12.98
CA VAL B 176 -2.90 4.10 -11.78
C VAL B 176 -1.64 3.93 -10.90
N THR B 177 -0.46 4.28 -11.43
CA THR B 177 0.82 4.43 -10.69
C THR B 177 1.52 5.65 -11.26
N PRO B 178 2.57 6.21 -10.61
CA PRO B 178 3.28 7.31 -11.23
C PRO B 178 3.95 6.79 -12.50
N PRO B 179 4.24 7.67 -13.46
CA PRO B 179 4.80 7.22 -14.72
C PRO B 179 6.28 6.88 -14.52
N PRO B 180 6.87 6.17 -15.49
CA PRO B 180 8.30 5.93 -15.48
C PRO B 180 9.05 7.23 -15.73
N LYS B 181 10.26 7.31 -15.19
CA LYS B 181 11.19 8.42 -15.49
C LYS B 181 11.66 8.32 -16.94
N ASN B 182 11.75 7.09 -17.42
CA ASN B 182 12.35 6.74 -18.72
C ASN B 182 11.46 5.69 -19.36
N PRO B 183 10.90 5.94 -20.57
CA PRO B 183 10.00 4.97 -21.22
C PRO B 183 10.68 3.62 -21.48
N HIS B 184 12.01 3.57 -21.61
CA HIS B 184 12.70 2.30 -21.94
C HIS B 184 13.01 1.53 -20.66
N ASN B 185 12.68 2.07 -19.48
CA ASN B 185 12.83 1.37 -18.18
C ASN B 185 11.52 1.56 -17.41
N PRO B 186 10.46 0.83 -17.82
CA PRO B 186 9.11 1.12 -17.33
C PRO B 186 8.93 0.95 -15.81
N THR B 187 9.82 0.25 -15.09
CA THR B 187 9.60 -0.03 -13.65
C THR B 187 10.31 0.99 -12.74
N ASP B 188 11.11 1.92 -13.28
CA ASP B 188 11.80 2.94 -12.43
C ASP B 188 10.93 4.19 -12.43
N LEU B 189 10.13 4.41 -11.37
CA LEU B 189 8.98 5.34 -11.37
C LEU B 189 9.35 6.66 -10.68
N PHE B 190 8.67 7.73 -11.08
CA PHE B 190 8.51 8.94 -10.25
C PHE B 190 7.89 8.50 -8.91
N ASP B 191 8.06 9.28 -7.85
CA ASP B 191 7.46 8.95 -6.53
C ASP B 191 6.01 9.43 -6.45
N SER B 192 5.68 10.54 -7.10
CA SER B 192 4.34 11.17 -7.12
C SER B 192 4.16 11.99 -8.39
N VAL B 193 2.94 12.44 -8.63
CA VAL B 193 2.68 13.44 -9.69
C VAL B 193 2.03 14.69 -9.11
N THR B 194 2.11 15.75 -9.89
CA THR B 194 1.58 17.09 -9.54
C THR B 194 0.76 17.63 -10.71
N ASN B 195 0.12 18.78 -10.50
CA ASN B 195 -0.65 19.52 -11.54
C ASN B 195 0.32 20.33 -12.40
N ASN B 196 1.44 20.76 -11.81
CA ASN B 196 2.35 21.75 -12.43
C ASN B 196 3.70 21.72 -11.70
N THR B 197 4.78 21.34 -12.37
CA THR B 197 6.08 21.09 -11.68
C THR B 197 6.73 22.40 -11.25
N ARG B 198 6.46 23.50 -11.97
CA ARG B 198 6.99 24.86 -11.67
C ARG B 198 6.23 25.47 -10.49
N SER B 199 4.90 25.32 -10.43
CA SER B 199 4.04 25.84 -9.32
C SER B 199 3.12 24.73 -8.78
N PRO B 200 3.62 23.75 -8.01
CA PRO B 200 2.79 22.63 -7.59
C PRO B 200 1.70 23.13 -6.62
N LYS B 201 0.45 22.78 -6.87
CA LYS B 201 -0.66 23.06 -5.93
C LYS B 201 -1.29 21.76 -5.42
N LEU B 202 -1.12 20.64 -6.10
CA LEU B 202 -1.61 19.33 -5.59
C LEU B 202 -0.59 18.22 -5.88
N PHE B 203 -0.64 17.17 -5.08
CA PHE B 203 0.20 15.97 -5.31
C PHE B 203 -0.72 14.76 -5.26
N VAL B 204 -0.45 13.78 -6.11
CA VAL B 204 -1.19 12.49 -6.11
C VAL B 204 -0.19 11.40 -5.72
N VAL B 205 -0.56 10.52 -4.81
CA VAL B 205 0.25 9.33 -4.43
C VAL B 205 -0.57 8.08 -4.72
N PHE B 206 0.10 7.00 -5.14
CA PHE B 206 -0.57 5.80 -5.70
C PHE B 206 -0.29 4.57 -4.84
N PHE B 207 0.42 4.72 -3.71
CA PHE B 207 0.81 3.57 -2.85
C PHE B 207 0.40 3.79 -1.40
N ASP B 208 0.09 2.67 -0.71
CA ASP B 208 -0.20 2.65 0.74
C ASP B 208 1.07 3.07 1.51
N ASN B 209 0.90 3.75 2.63
CA ASN B 209 2.00 4.07 3.55
C ASN B 209 2.94 5.14 2.94
N GLN B 210 2.47 5.92 1.96
CA GLN B 210 3.27 7.03 1.37
C GLN B 210 2.85 8.36 2.01
N ALA B 211 1.83 8.33 2.88
CA ALA B 211 1.27 9.53 3.55
C ALA B 211 0.96 9.16 4.99
N TYR B 212 1.32 10.01 5.93
CA TYR B 212 0.99 9.77 7.36
C TYR B 212 0.05 10.88 7.80
N PRO B 213 -1.20 10.58 8.22
CA PRO B 213 -2.11 11.62 8.69
C PRO B 213 -1.62 12.04 10.09
N GLU B 214 -1.07 13.24 10.23
CA GLU B 214 -0.40 13.69 11.48
C GLU B 214 -1.36 14.47 12.40
N TYR B 215 -2.18 15.34 11.83
CA TYR B 215 -3.13 16.20 12.59
C TYR B 215 -4.48 16.21 11.89
N LEU B 216 -5.54 16.22 12.68
CA LEU B 216 -6.92 16.39 12.20
C LEU B 216 -7.39 17.76 12.69
N ILE B 217 -7.72 18.66 11.75
CA ILE B 217 -8.34 19.97 12.03
C ILE B 217 -9.85 19.82 11.87
N THR B 218 -10.59 20.13 12.93
CA THR B 218 -12.06 20.33 12.91
C THR B 218 -12.31 21.83 12.90
N PHE B 219 -13.11 22.29 11.92
CA PHE B 219 -13.33 23.74 11.70
C PHE B 219 -14.76 23.94 11.19
N THR B 220 -15.23 25.18 11.31
CA THR B 220 -16.60 25.62 10.97
C THR B 220 -16.51 26.97 10.27
N ALA B 221 -17.57 27.36 9.56
CA ALA B 221 -17.75 28.74 9.04
C ALA B 221 -18.09 29.66 10.22
C4 89H C . -7.30 -14.77 -9.99
C5 89H C . -7.79 -15.88 -9.36
C6 89H C . -10.08 -15.21 -9.74
C11 89H C . -5.63 -16.89 -9.39
C7 89H C . -11.39 -15.93 -9.78
C8 89H C . -12.62 -15.10 -9.84
C9 89H C . -12.29 -15.85 -8.59
C10 89H C . -6.93 -16.95 -9.05
C12 89H C . -5.12 -15.78 -10.05
N1 89H C . -3.26 -14.65 -11.04
N2 89H C . -4.09 -13.54 -11.34
C3 89H C . -5.94 -14.70 -10.35
O1 89H C . -2.99 -16.71 -10.19
C1 89H C . -3.75 -15.76 -10.41
C2 89H C . -5.41 -13.54 -11.00
O2 89H C . -6.09 -12.52 -11.27
O3 89H C . -9.11 -16.01 -9.00
#